data_7F9W
#
_entry.id   7F9W
#
loop_
_entity.id
_entity.type
_entity.pdbx_description
1 polymer 'Interleukin-2 receptor subunit alpha'
2 polymer 'Light chain of Fab'
3 polymer 'Heavy chain of Fab'
#
loop_
_entity_poly.entity_id
_entity_poly.type
_entity_poly.pdbx_seq_one_letter_code
_entity_poly.pdbx_strand_id
1 'polypeptide(L)'
;DDPPEIPHATFKAMAYKEGTMLNCECKRGFRRIKSGSLYMLCTGNSSHSSWDNQCQCTSSATRNTTKQVTPQPEEQKERK
TTEMQSPMQPVDQASLPGHCREPPPWENEATERIYHFVVGQMVYYQCVQGYRALHRGPAESVCKMTHGKTRWTQPQLICT
G
;
A
2 'polypeptide(L)'
;DIQMTQSPDSLAVSLGERATINCKSSQSVLYSSNNKNYLAWYQQKPGQPPKLLIYWASTRESGVPDRFSGSGSGTDFTLT
ISSLQAEDVAVYYCQQYYSTPYTFGQGTKVEIKRTVAAPSVFIFPPSDEQLKSGTASVVCLLNNFYPREAKVQWKVDNAL
QSGNSQESVTEQDSKDSTYSLSSTLTLSKADYEKHKVYACEVTHQGLSSPVTKSFNRGEC
;
C
3 'polypeptide(L)'
;QVQLVQSGAEVKKPGSSVKVSCKASGGTFSSDAINWVRQAPGQGLEWMGRIIPIFGVADYAQKFQGRVTLTADKSTSTAY
MDLSSLRSEDTAVFYCARERGDYSNFWYFDLWGRGTLVTVSSASTKGPSVFPLAPSSKSTSGGTAALGCLVKDYFPEPVT
VSWNSGALTSGVHTFPAVLQSSGLYSLSSVVTVPSSSLGTQTYICNVNHKPSNTKVDKKVEPKSCDKTHTCPPCPAPELL
GGPSVFLFPPKPKDTLMISRTPEVTCVVVDVSHEDPEVKFNWYVDGVEVHNAKTKPREEQYNSTYRVVSVLTVLHQDWLN
GKEYKCKVSNKALPAPIEKTISKAKGQPREPQVYTLPPSRDELTKNQVSLTCLVKGFYPSDIAVEWESNGQPENNYKTTP
PVLDSDGSFFLYSKLTVDKSRWQQGNVFSCSVMHEALHNHYTQKSLSLSPGK
;
B
#
# COMPACT_ATOMS: atom_id res chain seq x y z
N ASP A 1 42.56 -7.34 25.30
CA ASP A 1 43.07 -7.22 23.94
C ASP A 1 42.27 -6.19 23.14
N ASP A 2 42.18 -6.41 21.84
CA ASP A 2 41.47 -5.54 20.93
C ASP A 2 40.52 -6.35 20.08
N PRO A 3 39.44 -5.74 19.58
CA PRO A 3 38.53 -6.46 18.70
C PRO A 3 39.25 -6.98 17.48
N PRO A 4 38.92 -8.18 17.02
CA PRO A 4 39.55 -8.70 15.79
C PRO A 4 39.29 -7.78 14.62
N GLU A 5 40.29 -7.65 13.76
CA GLU A 5 40.22 -6.75 12.61
C GLU A 5 39.92 -7.55 11.35
N ILE A 6 38.77 -7.27 10.73
CA ILE A 6 38.34 -7.95 9.51
C ILE A 6 38.69 -7.07 8.32
N PRO A 7 39.21 -7.64 7.23
CA PRO A 7 39.53 -6.81 6.06
C PRO A 7 38.29 -6.09 5.54
N HIS A 8 38.49 -4.85 5.12
CA HIS A 8 37.43 -4.01 4.57
C HIS A 8 36.25 -3.90 5.54
N ALA A 9 36.55 -3.74 6.82
CA ALA A 9 35.52 -3.62 7.84
C ALA A 9 35.97 -2.65 8.92
N THR A 10 35.01 -1.93 9.48
CA THR A 10 35.26 -0.94 10.52
C THR A 10 34.32 -1.22 11.68
N PHE A 11 34.86 -1.75 12.78
CA PHE A 11 34.02 -2.10 13.93
C PHE A 11 33.45 -0.85 14.57
N LYS A 12 32.25 -0.98 15.11
CA LYS A 12 31.53 0.12 15.71
C LYS A 12 30.79 -0.40 16.94
N ALA A 13 30.49 0.50 17.87
CA ALA A 13 29.79 0.12 19.09
C ALA A 13 28.65 1.10 19.35
N MET A 14 27.44 0.57 19.56
CA MET A 14 26.30 1.44 19.86
C MET A 14 26.40 1.99 21.28
N ALA A 15 26.70 1.14 22.25
CA ALA A 15 26.79 1.56 23.63
C ALA A 15 27.91 0.79 24.32
N TYR A 16 28.61 1.49 25.21
CA TYR A 16 29.80 0.96 25.85
C TYR A 16 29.43 0.42 27.22
N LYS A 17 29.92 -0.78 27.53
CA LYS A 17 29.74 -1.32 28.88
C LYS A 17 30.37 -0.38 29.90
N GLU A 18 29.71 -0.22 31.05
CA GLU A 18 30.27 0.64 32.08
C GLU A 18 31.62 0.12 32.54
N GLY A 19 32.59 1.02 32.58
CA GLY A 19 33.97 0.67 32.85
C GLY A 19 34.94 0.96 31.72
N THR A 20 34.45 1.45 30.58
CA THR A 20 35.34 1.82 29.48
C THR A 20 36.03 3.14 29.78
N MET A 21 37.25 3.28 29.26
N MET A 21 37.26 3.28 29.26
CA MET A 21 38.08 4.46 29.48
CA MET A 21 38.08 4.46 29.48
C MET A 21 38.59 4.97 28.14
C MET A 21 38.58 4.97 28.14
N LEU A 22 38.77 6.27 28.03
CA LEU A 22 39.29 6.87 26.81
C LEU A 22 40.48 7.75 27.13
N SER A 37 45.52 14.57 33.22
CA SER A 37 44.32 13.79 32.94
C SER A 37 44.69 12.47 32.27
N LEU A 38 44.64 11.39 33.03
CA LEU A 38 45.06 10.10 32.50
C LEU A 38 44.09 9.56 31.47
N TYR A 39 42.79 9.58 31.78
CA TYR A 39 41.80 8.90 30.96
C TYR A 39 40.40 9.25 31.44
N MET A 40 39.47 9.28 30.49
CA MET A 40 38.05 9.39 30.77
C MET A 40 37.54 8.10 31.42
N LEU A 41 36.35 8.15 32.00
CA LEU A 41 35.77 6.96 32.59
C LEU A 41 34.25 7.02 32.52
N CYS A 42 33.63 5.93 32.06
CA CYS A 42 32.19 5.83 32.07
C CYS A 42 31.70 5.46 33.45
N THR A 43 30.98 6.39 34.09
CA THR A 43 30.46 6.21 35.44
C THR A 43 28.96 6.06 35.38
N GLY A 44 28.44 5.05 36.07
CA GLY A 44 27.02 4.78 36.05
C GLY A 44 26.53 4.28 37.39
N ASN A 45 25.32 4.73 37.74
CA ASN A 45 24.62 4.27 38.93
C ASN A 45 23.22 3.83 38.53
N SER A 46 22.39 3.58 39.55
CA SER A 46 21.01 3.19 39.27
C SER A 46 20.25 4.31 38.57
N SER A 47 20.49 5.56 38.96
CA SER A 47 19.76 6.68 38.38
C SER A 47 20.09 6.84 36.90
N HIS A 48 21.38 6.89 36.57
CA HIS A 48 21.81 7.12 35.19
C HIS A 48 23.29 6.80 35.09
N SER A 49 23.82 6.91 33.87
CA SER A 49 25.22 6.68 33.59
C SER A 49 25.77 7.85 32.78
N SER A 50 26.93 8.36 33.18
CA SER A 50 27.55 9.48 32.49
C SER A 50 29.06 9.45 32.70
N TRP A 51 29.78 9.93 31.70
CA TRP A 51 31.23 9.98 31.77
C TRP A 51 31.69 11.05 32.76
N ASP A 52 32.94 10.94 33.18
CA ASP A 52 33.52 11.92 34.09
C ASP A 52 34.94 12.25 33.65
N ASN A 53 35.65 12.96 34.53
CA ASN A 53 37.05 13.33 34.32
C ASN A 53 37.24 14.11 33.02
N GLN A 54 36.29 14.99 32.73
CA GLN A 54 36.38 15.83 31.53
C GLN A 54 37.45 16.90 31.68
N LEU A 96 20.07 3.06 27.13
CA LEU A 96 20.42 1.73 27.61
C LEU A 96 21.00 1.78 29.01
N PRO A 97 20.31 1.15 29.97
CA PRO A 97 20.80 1.16 31.34
C PRO A 97 22.06 0.33 31.48
N GLY A 98 22.95 0.79 32.37
CA GLY A 98 24.23 0.15 32.54
C GLY A 98 25.23 0.41 31.44
N HIS A 99 24.92 1.31 30.50
CA HIS A 99 25.78 1.59 29.37
C HIS A 99 25.78 3.08 29.08
N CYS A 100 26.97 3.64 28.89
CA CYS A 100 27.11 5.03 28.53
C CYS A 100 26.74 5.24 27.07
N ARG A 101 26.55 6.50 26.71
CA ARG A 101 26.39 6.89 25.32
C ARG A 101 27.72 7.41 24.79
N GLU A 102 27.74 7.74 23.50
CA GLU A 102 28.98 8.24 22.91
C GLU A 102 29.32 9.60 23.50
N PRO A 103 30.54 9.80 23.98
CA PRO A 103 30.90 11.08 24.59
C PRO A 103 30.87 12.19 23.55
N PRO A 104 30.42 13.38 23.93
CA PRO A 104 30.38 14.49 22.99
C PRO A 104 31.78 14.90 22.58
N PRO A 105 31.96 15.45 21.38
CA PRO A 105 33.29 15.89 20.95
C PRO A 105 33.80 17.04 21.82
N TRP A 106 35.11 17.05 22.01
CA TRP A 106 35.79 18.12 22.73
C TRP A 106 37.07 18.47 21.99
N GLU A 107 37.22 19.76 21.68
CA GLU A 107 38.22 20.17 20.71
C GLU A 107 39.64 19.84 21.18
N ASN A 108 40.57 19.80 20.22
CA ASN A 108 41.91 19.21 20.29
C ASN A 108 41.83 17.69 20.19
N GLU A 109 40.86 17.14 19.47
CA GLU A 109 40.69 15.70 19.38
C GLU A 109 41.89 15.05 18.71
N ALA A 110 42.14 13.80 19.08
CA ALA A 110 42.91 12.94 18.20
C ALA A 110 41.99 12.35 17.15
N THR A 111 42.55 12.06 15.97
CA THR A 111 41.73 11.61 14.86
C THR A 111 41.20 10.20 15.10
N GLU A 112 41.71 9.52 16.13
CA GLU A 112 41.29 8.18 16.47
C GLU A 112 40.80 8.16 17.91
N ARG A 113 39.81 7.31 18.20
CA ARG A 113 39.37 7.07 19.56
C ARG A 113 39.89 5.72 20.03
N ILE A 114 40.61 5.72 21.14
CA ILE A 114 41.16 4.49 21.71
C ILE A 114 40.32 4.15 22.93
N TYR A 115 39.84 2.91 22.98
CA TYR A 115 38.97 2.43 24.04
C TYR A 115 39.54 1.13 24.59
N HIS A 116 39.72 1.06 25.91
CA HIS A 116 39.99 -0.22 26.54
C HIS A 116 38.69 -0.80 27.08
N PHE A 117 38.35 -1.99 26.62
CA PHE A 117 37.01 -2.54 26.79
C PHE A 117 37.02 -3.59 27.90
N VAL A 118 36.05 -3.47 28.81
CA VAL A 118 35.86 -4.43 29.89
C VAL A 118 35.10 -5.64 29.36
N VAL A 119 35.01 -6.69 30.17
CA VAL A 119 34.35 -7.91 29.74
C VAL A 119 32.88 -7.66 29.46
N GLY A 120 32.39 -8.24 28.37
CA GLY A 120 30.99 -8.13 28.01
C GLY A 120 30.66 -7.07 26.98
N GLN A 121 31.65 -6.45 26.35
CA GLN A 121 31.37 -5.44 25.35
C GLN A 121 30.82 -6.07 24.08
N MET A 122 30.01 -5.30 23.35
CA MET A 122 29.40 -5.76 22.11
C MET A 122 29.65 -4.73 21.02
N VAL A 123 29.95 -5.21 19.81
CA VAL A 123 30.27 -4.35 18.68
C VAL A 123 29.61 -4.89 17.41
N TYR A 124 29.71 -4.11 16.34
CA TYR A 124 29.17 -4.44 15.03
C TYR A 124 30.23 -4.22 13.97
N TYR A 125 30.12 -4.97 12.87
CA TYR A 125 31.06 -4.85 11.77
C TYR A 125 30.34 -4.41 10.49
N GLN A 126 30.81 -3.30 9.92
CA GLN A 126 30.26 -2.73 8.71
C GLN A 126 31.30 -2.75 7.61
N CYS A 127 30.91 -3.23 6.43
CA CYS A 127 31.82 -3.23 5.30
C CYS A 127 32.09 -1.80 4.84
N VAL A 128 33.35 -1.54 4.46
CA VAL A 128 33.73 -0.21 4.01
C VAL A 128 33.07 0.08 2.67
N GLN A 129 33.03 1.37 2.31
CA GLN A 129 32.41 1.79 1.06
C GLN A 129 33.01 1.05 -0.12
N GLY A 130 32.14 0.51 -0.98
CA GLY A 130 32.56 -0.23 -2.13
C GLY A 130 32.59 -1.74 -1.97
N TYR A 131 32.04 -2.28 -0.89
CA TYR A 131 32.00 -3.71 -0.67
C TYR A 131 30.62 -4.12 -0.18
N ARG A 132 30.29 -5.40 -0.38
CA ARG A 132 29.00 -5.93 0.00
C ARG A 132 29.18 -7.14 0.90
N ALA A 133 28.23 -7.33 1.82
CA ALA A 133 28.29 -8.40 2.80
C ALA A 133 27.69 -9.67 2.21
N LEU A 134 28.49 -10.73 2.17
CA LEU A 134 28.05 -11.97 1.54
C LEU A 134 27.08 -12.73 2.43
N HIS A 135 27.31 -12.72 3.74
CA HIS A 135 26.51 -13.51 4.67
C HIS A 135 25.36 -12.66 5.22
N ARG A 136 24.69 -13.15 6.26
CA ARG A 136 23.49 -12.54 6.80
C ARG A 136 23.76 -11.94 8.17
N GLY A 137 23.12 -10.79 8.40
CA GLY A 137 23.04 -10.20 9.71
C GLY A 137 24.23 -9.37 10.10
N PRO A 138 24.00 -8.31 10.87
CA PRO A 138 25.11 -7.55 11.43
C PRO A 138 25.95 -8.45 12.34
N ALA A 139 27.17 -8.72 11.92
CA ALA A 139 28.05 -9.55 12.71
C ALA A 139 28.41 -8.85 14.02
N GLU A 140 28.56 -9.65 15.08
CA GLU A 140 28.80 -9.10 16.41
C GLU A 140 29.96 -9.83 17.06
N SER A 141 30.68 -9.10 17.89
CA SER A 141 31.82 -9.65 18.63
C SER A 141 31.70 -9.25 20.09
N VAL A 142 31.89 -10.23 20.98
CA VAL A 142 31.76 -10.03 22.42
C VAL A 142 33.00 -10.63 23.08
N CYS A 143 33.37 -10.06 24.22
CA CYS A 143 34.48 -10.57 25.02
C CYS A 143 33.92 -11.40 26.16
N LYS A 144 34.30 -12.67 26.21
CA LYS A 144 33.80 -13.61 27.20
C LYS A 144 34.96 -14.28 27.91
N MET A 145 34.90 -14.30 29.24
CA MET A 145 35.95 -14.93 30.03
C MET A 145 35.93 -16.44 29.83
N THR A 146 37.11 -17.02 29.63
CA THR A 146 37.26 -18.46 29.44
C THR A 146 38.46 -18.94 30.26
N HIS A 147 38.18 -19.69 31.31
CA HIS A 147 39.22 -20.27 32.17
C HIS A 147 40.18 -19.19 32.67
N GLY A 148 39.63 -18.06 33.08
CA GLY A 148 40.45 -16.95 33.54
C GLY A 148 41.31 -16.34 32.46
N LYS A 149 40.83 -16.30 31.22
CA LYS A 149 41.56 -15.70 30.11
C LYS A 149 40.61 -14.84 29.29
N THR A 150 40.95 -13.57 29.11
CA THR A 150 40.15 -12.69 28.27
C THR A 150 40.37 -13.00 26.80
N ARG A 151 39.29 -12.94 26.02
CA ARG A 151 39.37 -13.21 24.59
C ARG A 151 38.15 -12.61 23.91
N TRP A 152 38.26 -12.46 22.59
CA TRP A 152 37.23 -11.84 21.77
C TRP A 152 36.64 -12.89 20.84
N THR A 153 35.32 -12.96 20.75
CA THR A 153 34.68 -13.89 19.83
C THR A 153 34.94 -13.47 18.39
N GLN A 154 35.32 -14.45 17.57
CA GLN A 154 35.58 -14.18 16.16
C GLN A 154 34.27 -13.94 15.41
N PRO A 155 34.19 -12.90 14.59
CA PRO A 155 33.00 -12.68 13.77
C PRO A 155 32.94 -13.65 12.61
N GLN A 156 31.80 -13.66 11.94
CA GLN A 156 31.58 -14.47 10.74
C GLN A 156 31.11 -13.53 9.63
N LEU A 157 32.06 -12.92 8.93
CA LEU A 157 31.73 -11.93 7.92
C LEU A 157 32.83 -11.86 6.88
N ILE A 158 32.42 -11.68 5.62
CA ILE A 158 33.34 -11.39 4.53
C ILE A 158 32.73 -10.26 3.69
N CYS A 159 33.54 -9.27 3.35
CA CYS A 159 33.12 -8.18 2.48
C CYS A 159 33.80 -8.34 1.13
N THR A 160 32.99 -8.39 0.07
CA THR A 160 33.50 -8.66 -1.27
C THR A 160 33.10 -7.54 -2.22
N GLY A 161 33.77 -7.50 -3.36
CA GLY A 161 33.50 -6.50 -4.37
C GLY A 161 34.18 -6.81 -5.69
N ASP B 1 10.93 -21.20 1.91
CA ASP B 1 9.78 -20.40 1.51
C ASP B 1 8.87 -20.04 2.69
N ILE B 2 9.44 -19.33 3.67
CA ILE B 2 8.66 -18.91 4.81
C ILE B 2 7.46 -18.11 4.34
N GLN B 3 6.29 -18.41 4.90
CA GLN B 3 5.03 -17.86 4.42
C GLN B 3 4.30 -17.14 5.54
N MET B 4 3.80 -15.95 5.24
CA MET B 4 3.13 -15.10 6.21
C MET B 4 1.64 -15.43 6.28
N THR B 5 1.08 -15.28 7.48
CA THR B 5 -0.36 -15.45 7.68
C THR B 5 -0.86 -14.41 8.68
N GLN B 6 -1.27 -13.25 8.17
CA GLN B 6 -1.85 -12.26 9.05
C GLN B 6 -3.25 -12.67 9.47
N SER B 7 -3.72 -12.09 10.56
CA SER B 7 -5.09 -12.28 11.02
C SER B 7 -5.45 -11.18 11.99
N PRO B 8 -6.61 -10.54 11.83
CA PRO B 8 -7.63 -10.84 10.83
C PRO B 8 -7.33 -10.20 9.48
N ASP B 9 -8.00 -10.66 8.43
CA ASP B 9 -7.82 -10.06 7.11
C ASP B 9 -8.28 -8.61 7.11
N SER B 10 -9.37 -8.31 7.81
CA SER B 10 -9.82 -6.94 7.98
C SER B 10 -10.11 -6.73 9.46
N LEU B 11 -9.99 -5.48 9.90
CA LEU B 11 -10.13 -5.15 11.30
C LEU B 11 -10.78 -3.80 11.46
N ALA B 12 -11.66 -3.67 12.45
CA ALA B 12 -12.43 -2.45 12.67
C ALA B 12 -12.37 -2.09 14.14
N VAL B 13 -11.77 -0.93 14.45
CA VAL B 13 -11.61 -0.46 15.82
C VAL B 13 -12.20 0.94 15.92
N SER B 14 -12.66 1.29 17.11
CA SER B 14 -13.16 2.64 17.34
C SER B 14 -12.00 3.63 17.33
N LEU B 15 -12.33 4.90 17.11
CA LEU B 15 -11.30 5.92 17.07
C LEU B 15 -10.68 6.11 18.45
N GLY B 16 -9.36 6.23 18.47
CA GLY B 16 -8.65 6.42 19.73
C GLY B 16 -8.74 5.24 20.67
N GLU B 17 -8.53 4.02 20.15
CA GLU B 17 -8.56 2.84 20.99
C GLU B 17 -7.57 1.82 20.43
N ARG B 18 -7.13 0.91 21.30
CA ARG B 18 -6.05 0.01 20.96
C ARG B 18 -6.43 -0.93 19.82
N ALA B 19 -5.50 -1.14 18.90
CA ALA B 19 -5.67 -2.09 17.81
C ALA B 19 -4.51 -3.07 17.85
N THR B 20 -4.72 -4.26 17.29
CA THR B 20 -3.71 -5.31 17.34
C THR B 20 -3.77 -6.11 16.06
N ILE B 21 -2.60 -6.47 15.53
CA ILE B 21 -2.48 -7.32 14.36
C ILE B 21 -1.49 -8.42 14.69
N ASN B 22 -1.63 -9.56 14.03
CA ASN B 22 -0.77 -10.69 14.27
C ASN B 22 -0.04 -11.07 13.00
N CYS B 23 0.94 -11.96 13.14
CA CYS B 23 1.70 -12.47 12.02
C CYS B 23 2.22 -13.84 12.39
N LYS B 24 2.25 -14.73 11.42
CA LYS B 24 2.71 -16.09 11.63
C LYS B 24 3.70 -16.47 10.55
N SER B 25 4.71 -17.23 10.91
CA SER B 25 5.69 -17.73 9.96
C SER B 25 5.75 -19.24 10.07
N SER B 26 5.85 -19.91 8.93
CA SER B 26 6.00 -21.37 8.95
C SER B 26 7.29 -21.77 9.63
N GLN B 27 8.36 -21.00 9.45
CA GLN B 27 9.66 -21.31 10.02
C GLN B 27 10.08 -20.20 10.98
N SER B 28 10.84 -20.58 12.00
CA SER B 28 11.34 -19.60 12.96
C SER B 28 12.27 -18.61 12.29
N VAL B 29 12.24 -17.36 12.77
CA VAL B 29 13.06 -16.32 12.17
C VAL B 29 14.14 -15.80 13.10
N LEU B 30 14.07 -16.11 14.39
CA LEU B 30 15.05 -15.61 15.34
C LEU B 30 16.41 -16.22 15.03
N TYR B 31 17.37 -15.36 14.69
CA TYR B 31 18.70 -15.80 14.33
C TYR B 31 19.54 -15.91 15.59
N SER B 32 20.18 -17.07 15.76
CA SER B 32 20.84 -17.38 17.03
C SER B 32 21.96 -16.41 17.34
N SER B 33 22.78 -16.07 16.33
CA SER B 33 23.97 -15.27 16.57
C SER B 33 23.61 -13.86 17.04
N ASN B 34 22.62 -13.25 16.41
CA ASN B 34 22.24 -11.88 16.73
C ASN B 34 21.17 -11.78 17.81
N ASN B 35 20.40 -12.84 18.05
CA ASN B 35 19.19 -12.77 18.88
C ASN B 35 18.30 -11.63 18.41
N LYS B 36 18.18 -11.52 17.08
CA LYS B 36 17.35 -10.52 16.43
C LYS B 36 16.33 -11.22 15.54
N ASN B 37 15.19 -10.57 15.33
CA ASN B 37 14.10 -11.14 14.57
C ASN B 37 13.93 -10.38 13.26
N TYR B 38 14.27 -11.02 12.15
CA TYR B 38 14.23 -10.38 10.84
C TYR B 38 12.78 -10.26 10.37
N LEU B 39 12.07 -9.32 10.96
CA LEU B 39 10.69 -9.07 10.56
C LEU B 39 10.43 -7.57 10.49
N ALA B 40 9.73 -7.15 9.44
CA ALA B 40 9.45 -5.75 9.19
C ALA B 40 7.98 -5.56 8.87
N TRP B 41 7.41 -4.44 9.31
CA TRP B 41 6.02 -4.10 9.08
C TRP B 41 5.97 -2.87 8.19
N TYR B 42 5.09 -2.87 7.19
CA TYR B 42 4.96 -1.77 6.25
C TYR B 42 3.57 -1.18 6.32
N GLN B 43 3.46 0.11 6.03
CA GLN B 43 2.17 0.78 5.94
C GLN B 43 2.02 1.35 4.54
N GLN B 44 0.87 1.11 3.92
CA GLN B 44 0.61 1.54 2.55
C GLN B 44 -0.75 2.22 2.47
N LYS B 45 -0.76 3.54 2.58
CA LYS B 45 -1.99 4.28 2.39
C LYS B 45 -2.43 4.19 0.93
N PRO B 46 -3.72 4.32 0.66
CA PRO B 46 -4.22 4.05 -0.69
C PRO B 46 -3.54 4.90 -1.75
N GLY B 47 -3.21 4.27 -2.87
CA GLY B 47 -2.62 4.94 -4.02
C GLY B 47 -1.27 5.59 -3.76
N GLN B 48 -0.46 4.98 -2.92
CA GLN B 48 0.86 5.48 -2.61
C GLN B 48 1.79 4.30 -2.42
N PRO B 49 3.09 4.49 -2.61
CA PRO B 49 4.03 3.40 -2.33
C PRO B 49 4.07 3.11 -0.84
N PRO B 50 4.36 1.87 -0.46
CA PRO B 50 4.47 1.55 0.97
C PRO B 50 5.66 2.26 1.60
N LYS B 51 5.58 2.41 2.92
CA LYS B 51 6.66 3.02 3.69
C LYS B 51 7.01 2.12 4.86
N LEU B 52 8.28 2.09 5.22
CA LEU B 52 8.73 1.25 6.32
C LEU B 52 8.21 1.80 7.64
N LEU B 53 7.87 0.89 8.54
CA LEU B 53 7.25 1.27 9.80
C LEU B 53 8.10 0.80 10.98
N ILE B 54 8.41 -0.50 10.99
CA ILE B 54 9.11 -1.15 12.08
C ILE B 54 10.10 -2.14 11.48
N TYR B 55 11.29 -2.22 12.06
CA TYR B 55 12.27 -3.20 11.63
C TYR B 55 12.93 -3.86 12.83
N TRP B 56 13.42 -5.07 12.59
CA TRP B 56 13.90 -5.99 13.62
C TRP B 56 12.77 -6.34 14.60
N ALA B 57 11.52 -6.15 14.17
CA ALA B 57 10.32 -6.57 14.87
C ALA B 57 9.99 -5.72 16.08
N SER B 58 10.92 -4.86 16.51
CA SER B 58 10.66 -3.97 17.63
C SER B 58 11.19 -2.56 17.43
N THR B 59 12.20 -2.37 16.59
CA THR B 59 12.86 -1.08 16.46
C THR B 59 12.00 -0.15 15.63
N ARG B 60 11.35 0.80 16.29
CA ARG B 60 10.63 1.84 15.58
C ARG B 60 11.57 2.61 14.67
N GLU B 61 11.10 2.94 13.48
CA GLU B 61 11.96 3.62 12.53
C GLU B 61 11.80 5.13 12.66
N SER B 62 12.87 5.85 12.29
CA SER B 62 12.93 7.28 12.52
C SER B 62 11.75 7.99 11.88
N GLY B 63 11.11 8.88 12.65
CA GLY B 63 9.99 9.64 12.16
C GLY B 63 8.63 8.98 12.34
N VAL B 64 8.59 7.76 12.87
CA VAL B 64 7.33 7.08 13.14
C VAL B 64 6.83 7.47 14.53
N PRO B 65 5.56 7.84 14.68
CA PRO B 65 5.07 8.24 15.99
C PRO B 65 5.24 7.14 17.02
N ASP B 66 5.34 7.54 18.28
CA ASP B 66 5.64 6.60 19.35
C ASP B 66 4.52 5.60 19.59
N ARG B 67 3.32 5.87 19.06
CA ARG B 67 2.19 4.98 19.35
C ARG B 67 2.37 3.62 18.69
N PHE B 68 2.89 3.57 17.47
CA PHE B 68 3.19 2.28 16.85
C PHE B 68 4.27 1.57 17.65
N SER B 69 4.07 0.28 17.88
CA SER B 69 5.00 -0.49 18.70
C SER B 69 4.87 -1.97 18.38
N GLY B 70 5.91 -2.54 17.78
CA GLY B 70 5.93 -3.96 17.56
C GLY B 70 6.22 -4.73 18.83
N SER B 71 6.10 -6.04 18.74
CA SER B 71 6.36 -6.90 19.89
C SER B 71 6.47 -8.34 19.41
N GLY B 72 6.54 -9.25 20.36
CA GLY B 72 6.59 -10.66 20.05
C GLY B 72 7.94 -11.08 19.51
N SER B 73 8.10 -12.40 19.39
CA SER B 73 9.34 -12.97 18.90
C SER B 73 9.06 -14.38 18.41
N GLY B 74 10.05 -14.99 17.78
CA GLY B 74 9.88 -16.33 17.27
C GLY B 74 9.00 -16.38 16.05
N THR B 75 7.76 -16.86 16.21
CA THR B 75 6.81 -16.95 15.10
C THR B 75 5.43 -16.45 15.50
N ASP B 76 5.34 -15.58 16.50
CA ASP B 76 4.05 -15.12 17.00
C ASP B 76 4.07 -13.60 17.12
N PHE B 77 4.50 -12.93 16.06
CA PHE B 77 4.72 -11.50 16.13
C PHE B 77 3.41 -10.74 16.29
N THR B 78 3.53 -9.43 16.49
CA THR B 78 2.36 -8.59 16.64
C THR B 78 2.73 -7.13 16.43
N LEU B 79 1.72 -6.32 16.17
CA LEU B 79 1.83 -4.88 16.06
C LEU B 79 0.70 -4.27 16.85
N THR B 80 0.91 -3.07 17.38
CA THR B 80 -0.09 -2.39 18.20
C THR B 80 -0.15 -0.93 17.80
N ILE B 81 -1.35 -0.40 17.66
CA ILE B 81 -1.56 1.01 17.40
C ILE B 81 -2.37 1.56 18.57
N SER B 82 -1.69 2.00 19.62
CA SER B 82 -2.40 2.55 20.76
C SER B 82 -2.91 3.95 20.44
N SER B 83 -4.16 4.20 20.79
CA SER B 83 -4.83 5.46 20.52
C SER B 83 -4.82 5.79 19.03
N LEU B 84 -5.56 4.99 18.27
CA LEU B 84 -5.61 5.14 16.83
C LEU B 84 -6.23 6.48 16.45
N GLN B 85 -5.61 7.16 15.48
CA GLN B 85 -6.12 8.41 14.95
C GLN B 85 -6.46 8.26 13.47
N ALA B 86 -7.00 9.33 12.89
CA ALA B 86 -7.56 9.26 11.55
C ALA B 86 -6.49 8.99 10.50
N GLU B 87 -5.23 9.31 10.82
CA GLU B 87 -4.16 9.13 9.83
C GLU B 87 -3.68 7.69 9.78
N ASP B 88 -4.17 6.83 10.67
CA ASP B 88 -3.64 5.48 10.76
C ASP B 88 -4.34 4.50 9.83
N VAL B 89 -5.42 4.93 9.18
CA VAL B 89 -6.17 4.01 8.32
C VAL B 89 -5.35 3.68 7.08
N ALA B 90 -4.99 2.41 6.96
CA ALA B 90 -4.13 1.96 5.87
C ALA B 90 -4.16 0.44 5.79
N VAL B 91 -3.22 -0.14 5.05
CA VAL B 91 -3.05 -1.60 5.00
C VAL B 91 -1.64 -1.91 5.45
N TYR B 92 -1.51 -2.83 6.40
CA TYR B 92 -0.23 -3.15 7.02
C TYR B 92 0.17 -4.57 6.66
N TYR B 93 1.41 -4.73 6.19
CA TYR B 93 1.91 -6.01 5.72
C TYR B 93 3.11 -6.45 6.55
N CYS B 94 3.26 -7.76 6.70
CA CYS B 94 4.49 -8.30 7.24
C CYS B 94 5.55 -8.34 6.15
N GLN B 95 6.76 -8.71 6.54
CA GLN B 95 7.76 -9.14 5.56
C GLN B 95 8.72 -10.09 6.24
N GLN B 96 9.19 -11.05 5.49
CA GLN B 96 10.08 -12.09 5.98
C GLN B 96 11.43 -11.95 5.30
N TYR B 97 12.26 -11.01 5.77
CA TYR B 97 13.54 -10.88 5.11
C TYR B 97 14.60 -11.76 5.74
N TYR B 98 14.20 -12.84 6.41
CA TYR B 98 15.16 -13.80 6.92
C TYR B 98 15.94 -14.46 5.79
N SER B 99 15.25 -14.79 4.70
CA SER B 99 15.91 -15.43 3.57
C SER B 99 15.06 -15.23 2.31
N THR B 100 15.70 -15.37 1.15
CA THR B 100 15.03 -15.20 -0.12
C THR B 100 14.34 -16.50 -0.52
N PRO B 101 13.19 -16.45 -1.21
CA PRO B 101 12.47 -15.24 -1.62
C PRO B 101 11.72 -14.59 -0.47
N TYR B 102 11.72 -13.27 -0.42
CA TYR B 102 10.97 -12.58 0.61
C TYR B 102 9.48 -12.83 0.40
N THR B 103 8.74 -12.96 1.48
CA THR B 103 7.32 -13.21 1.41
C THR B 103 6.57 -12.19 2.25
N PHE B 104 5.59 -11.54 1.64
CA PHE B 104 4.73 -10.60 2.34
C PHE B 104 3.54 -11.34 2.92
N GLY B 105 2.66 -10.59 3.54
CA GLY B 105 1.45 -11.17 4.09
C GLY B 105 0.23 -10.92 3.23
N GLN B 106 -0.90 -11.45 3.69
CA GLN B 106 -2.15 -11.18 3.00
C GLN B 106 -2.51 -9.71 3.06
N GLY B 107 -2.26 -9.08 4.19
CA GLY B 107 -2.57 -7.68 4.35
C GLY B 107 -3.83 -7.48 5.17
N THR B 108 -3.78 -6.48 6.04
CA THR B 108 -4.86 -6.18 6.96
C THR B 108 -5.32 -4.75 6.73
N LYS B 109 -6.63 -4.57 6.63
CA LYS B 109 -7.20 -3.26 6.31
C LYS B 109 -7.75 -2.63 7.58
N VAL B 110 -6.85 -1.98 8.32
CA VAL B 110 -7.28 -1.32 9.55
C VAL B 110 -8.26 -0.21 9.18
N GLU B 111 -9.43 -0.24 9.80
CA GLU B 111 -10.56 0.57 9.35
C GLU B 111 -11.33 1.03 10.57
N ILE B 112 -11.57 2.34 10.67
CA ILE B 112 -12.23 2.86 11.86
C ILE B 112 -13.68 2.40 11.90
N LYS B 113 -14.19 2.15 13.10
CA LYS B 113 -15.55 1.66 13.29
C LYS B 113 -16.39 2.68 14.03
N ARG B 114 -17.66 2.78 13.63
CA ARG B 114 -18.60 3.72 14.23
C ARG B 114 -19.95 3.04 14.36
N THR B 115 -20.95 3.82 14.77
CA THR B 115 -22.31 3.30 14.93
C THR B 115 -22.95 3.06 13.56
N VAL B 116 -23.88 2.12 13.52
CA VAL B 116 -24.52 1.77 12.26
C VAL B 116 -25.43 2.88 11.78
N ALA B 117 -25.56 3.02 10.46
CA ALA B 117 -26.43 4.01 9.85
C ALA B 117 -27.24 3.36 8.74
N ALA B 118 -28.49 3.76 8.62
CA ALA B 118 -29.38 3.15 7.64
C ALA B 118 -29.08 3.69 6.25
N PRO B 119 -28.85 2.82 5.27
CA PRO B 119 -28.60 3.28 3.90
C PRO B 119 -29.82 3.95 3.29
N SER B 120 -29.56 4.88 2.38
CA SER B 120 -30.60 5.53 1.59
C SER B 120 -30.64 4.88 0.22
N VAL B 121 -31.83 4.84 -0.39
CA VAL B 121 -32.04 4.12 -1.65
C VAL B 121 -32.60 5.09 -2.69
N PHE B 122 -32.04 5.03 -3.89
CA PHE B 122 -32.55 5.83 -5.01
C PHE B 122 -32.43 5.01 -6.29
N ILE B 123 -33.36 5.23 -7.21
CA ILE B 123 -33.42 4.50 -8.48
C ILE B 123 -33.57 5.51 -9.61
N PHE B 124 -32.85 5.26 -10.71
CA PHE B 124 -32.83 6.17 -11.85
C PHE B 124 -33.27 5.44 -13.10
N PRO B 125 -34.34 5.87 -13.77
CA PRO B 125 -34.75 5.24 -15.03
C PRO B 125 -33.75 5.55 -16.13
N PRO B 126 -33.69 4.71 -17.16
CA PRO B 126 -32.72 4.94 -18.24
C PRO B 126 -33.00 6.25 -18.99
N SER B 127 -31.94 6.89 -19.44
CA SER B 127 -32.05 8.07 -20.28
C SER B 127 -32.43 7.66 -21.70
N ASP B 128 -33.01 8.60 -22.44
CA ASP B 128 -33.47 8.30 -23.79
C ASP B 128 -32.30 8.21 -24.78
N GLU B 129 -31.17 8.83 -24.45
CA GLU B 129 -30.01 8.77 -25.35
C GLU B 129 -29.51 7.35 -25.52
N GLN B 130 -29.44 6.58 -24.43
CA GLN B 130 -29.03 5.19 -24.54
C GLN B 130 -30.05 4.39 -25.34
N LEU B 131 -31.31 4.79 -25.28
CA LEU B 131 -32.35 4.07 -26.02
C LEU B 131 -32.09 4.13 -27.52
N LYS B 132 -31.66 5.29 -28.02
CA LYS B 132 -31.30 5.39 -29.43
C LYS B 132 -30.12 4.47 -29.75
N SER B 133 -29.15 4.39 -28.85
CA SER B 133 -28.01 3.50 -29.05
C SER B 133 -28.42 2.03 -28.99
N GLY B 134 -29.60 1.73 -28.46
CA GLY B 134 -30.08 0.38 -28.39
C GLY B 134 -29.79 -0.37 -27.11
N THR B 135 -29.13 0.25 -26.15
CA THR B 135 -28.84 -0.36 -24.87
C THR B 135 -29.53 0.43 -23.76
N ALA B 136 -29.86 -0.27 -22.68
CA ALA B 136 -30.54 0.33 -21.53
C ALA B 136 -29.81 -0.07 -20.26
N SER B 137 -29.70 0.86 -19.33
CA SER B 137 -29.11 0.59 -18.03
C SER B 137 -29.88 1.34 -16.96
N VAL B 138 -30.14 0.66 -15.84
CA VAL B 138 -30.81 1.24 -14.69
C VAL B 138 -29.83 1.27 -13.53
N VAL B 139 -29.93 2.30 -12.70
CA VAL B 139 -29.00 2.52 -11.60
C VAL B 139 -29.79 2.56 -10.29
N CYS B 140 -29.33 1.77 -9.32
CA CYS B 140 -29.87 1.79 -7.97
C CYS B 140 -28.76 2.21 -7.02
N LEU B 141 -29.06 3.16 -6.14
CA LEU B 141 -28.04 3.83 -5.35
C LEU B 141 -28.26 3.58 -3.87
N LEU B 142 -27.19 3.21 -3.16
CA LEU B 142 -27.20 3.04 -1.72
C LEU B 142 -26.22 4.04 -1.12
N ASN B 143 -26.70 4.89 -0.23
CA ASN B 143 -25.98 6.10 0.16
C ASN B 143 -25.79 6.16 1.67
N ASN B 144 -24.54 6.37 2.09
CA ASN B 144 -24.20 6.68 3.47
C ASN B 144 -24.66 5.60 4.44
N PHE B 145 -24.02 4.44 4.35
CA PHE B 145 -24.33 3.30 5.21
C PHE B 145 -23.07 2.77 5.89
N TYR B 146 -23.23 2.23 7.08
CA TYR B 146 -22.22 1.45 7.78
C TYR B 146 -23.02 0.33 8.43
N PRO B 147 -22.46 -0.88 8.58
CA PRO B 147 -21.14 -1.40 8.23
C PRO B 147 -20.96 -1.80 6.78
N ARG B 148 -19.98 -2.69 6.55
CA ARG B 148 -19.49 -2.96 5.20
C ARG B 148 -20.52 -3.67 4.34
N GLU B 149 -21.12 -4.74 4.85
CA GLU B 149 -21.84 -5.68 4.02
C GLU B 149 -23.29 -5.27 3.79
N ALA B 150 -23.72 -5.35 2.54
CA ALA B 150 -25.10 -5.11 2.16
C ALA B 150 -25.42 -5.89 0.89
N LYS B 151 -26.70 -6.25 0.74
CA LYS B 151 -27.16 -7.05 -0.38
C LYS B 151 -28.15 -6.25 -1.23
N VAL B 152 -28.03 -6.42 -2.54
CA VAL B 152 -28.91 -5.76 -3.50
C VAL B 152 -29.41 -6.81 -4.49
N GLN B 153 -30.71 -6.76 -4.79
CA GLN B 153 -31.33 -7.66 -5.75
C GLN B 153 -32.04 -6.84 -6.83
N TRP B 154 -31.86 -7.24 -8.08
CA TRP B 154 -32.51 -6.60 -9.22
C TRP B 154 -33.70 -7.46 -9.62
N LYS B 155 -34.90 -6.89 -9.52
CA LYS B 155 -36.14 -7.64 -9.72
C LYS B 155 -36.91 -7.03 -10.88
N VAL B 156 -37.28 -7.87 -11.85
CA VAL B 156 -37.99 -7.43 -13.04
C VAL B 156 -39.25 -8.27 -13.20
N ASP B 157 -40.41 -7.60 -13.19
CA ASP B 157 -41.71 -8.27 -13.32
C ASP B 157 -41.83 -9.43 -12.32
N ASN B 158 -41.41 -9.18 -11.08
CA ASN B 158 -41.46 -10.18 -10.02
C ASN B 158 -40.67 -11.44 -10.41
N ALA B 159 -39.55 -11.25 -11.08
CA ALA B 159 -38.66 -12.34 -11.45
C ALA B 159 -37.24 -11.98 -11.05
N LEU B 160 -36.54 -12.93 -10.44
CA LEU B 160 -35.18 -12.67 -9.99
C LEU B 160 -34.24 -12.58 -11.18
N GLN B 161 -33.37 -11.57 -11.16
CA GLN B 161 -32.41 -11.32 -12.23
C GLN B 161 -31.01 -11.63 -11.71
N SER B 162 -30.27 -12.45 -12.45
CA SER B 162 -28.95 -12.89 -12.01
C SER B 162 -27.96 -12.84 -13.17
N GLY B 163 -26.69 -12.58 -12.83
CA GLY B 163 -25.60 -12.67 -13.78
C GLY B 163 -25.41 -11.46 -14.67
N ASN B 164 -26.27 -10.46 -14.57
CA ASN B 164 -26.19 -9.29 -15.43
C ASN B 164 -26.08 -7.98 -14.64
N SER B 165 -25.60 -8.05 -13.39
CA SER B 165 -25.54 -6.89 -12.51
C SER B 165 -24.12 -6.66 -12.04
N GLN B 166 -23.73 -5.40 -11.94
CA GLN B 166 -22.42 -5.02 -11.43
C GLN B 166 -22.59 -3.86 -10.45
N GLU B 167 -21.61 -3.72 -9.56
CA GLU B 167 -21.68 -2.71 -8.52
C GLU B 167 -20.28 -2.26 -8.15
N SER B 168 -20.20 -1.11 -7.48
CA SER B 168 -18.95 -0.57 -7.00
C SER B 168 -19.16 0.10 -5.64
N VAL B 169 -18.09 0.15 -4.85
CA VAL B 169 -18.13 0.69 -3.49
C VAL B 169 -16.98 1.68 -3.33
N THR B 170 -17.29 2.86 -2.81
CA THR B 170 -16.25 3.84 -2.50
C THR B 170 -15.60 3.52 -1.17
N GLU B 171 -14.33 3.89 -1.04
CA GLU B 171 -13.67 3.75 0.24
C GLU B 171 -14.27 4.74 1.24
N GLN B 172 -14.05 4.47 2.52
CA GLN B 172 -14.72 5.22 3.58
C GLN B 172 -14.41 6.70 3.47
N ASP B 173 -15.47 7.53 3.52
CA ASP B 173 -15.29 8.97 3.51
C ASP B 173 -14.68 9.42 4.82
N SER B 174 -13.62 10.24 4.73
CA SER B 174 -12.86 10.58 5.93
C SER B 174 -13.69 11.41 6.91
N LYS B 175 -14.42 12.42 6.40
CA LYS B 175 -15.06 13.37 7.30
C LYS B 175 -16.26 12.75 8.01
N ASP B 176 -16.87 11.73 7.41
CA ASP B 176 -18.12 11.18 7.94
C ASP B 176 -18.03 9.70 8.27
N SER B 177 -17.10 8.96 7.68
CA SER B 177 -16.88 7.56 8.00
C SER B 177 -18.08 6.69 7.61
N THR B 178 -18.49 6.79 6.35
CA THR B 178 -19.63 6.07 5.80
C THR B 178 -19.17 5.31 4.54
N TYR B 179 -20.13 4.84 3.74
CA TYR B 179 -19.84 4.17 2.49
C TYR B 179 -20.88 4.59 1.46
N SER B 180 -20.79 4.00 0.28
CA SER B 180 -21.82 4.16 -0.74
C SER B 180 -21.74 3.01 -1.73
N LEU B 181 -22.90 2.61 -2.24
CA LEU B 181 -23.02 1.49 -3.14
C LEU B 181 -23.95 1.87 -4.28
N SER B 182 -23.56 1.51 -5.51
CA SER B 182 -24.41 1.71 -6.68
C SER B 182 -24.35 0.46 -7.55
N SER B 183 -25.51 0.02 -8.01
CA SER B 183 -25.62 -1.18 -8.83
C SER B 183 -26.27 -0.83 -10.16
N THR B 184 -25.85 -1.52 -11.22
CA THR B 184 -26.36 -1.26 -12.56
C THR B 184 -26.34 -2.54 -13.38
N LEU B 185 -27.45 -2.80 -14.08
CA LEU B 185 -27.58 -3.99 -14.90
C LEU B 185 -27.63 -3.61 -16.38
N THR B 186 -27.30 -4.58 -17.23
CA THR B 186 -27.23 -4.38 -18.68
C THR B 186 -28.43 -5.02 -19.34
N LEU B 187 -29.15 -4.24 -20.16
CA LEU B 187 -30.29 -4.74 -20.89
C LEU B 187 -30.35 -4.06 -22.26
N SER B 188 -30.73 -4.82 -23.28
CA SER B 188 -30.83 -4.27 -24.62
C SER B 188 -32.15 -3.54 -24.81
N LYS B 189 -32.27 -2.87 -25.96
CA LYS B 189 -33.48 -2.12 -26.25
C LYS B 189 -34.69 -3.04 -26.35
N ALA B 190 -34.54 -4.20 -26.99
CA ALA B 190 -35.63 -5.16 -27.05
C ALA B 190 -35.97 -5.70 -25.67
N ASP B 191 -34.96 -6.00 -24.87
CA ASP B 191 -35.19 -6.58 -23.56
C ASP B 191 -35.87 -5.59 -22.63
N TYR B 192 -35.40 -4.35 -22.61
CA TYR B 192 -35.93 -3.37 -21.67
C TYR B 192 -37.35 -2.95 -22.05
N GLU B 193 -37.70 -3.02 -23.32
CA GLU B 193 -38.95 -2.42 -23.79
C GLU B 193 -40.16 -3.22 -23.33
N LYS B 194 -40.10 -4.55 -23.45
CA LYS B 194 -41.31 -5.36 -23.27
C LYS B 194 -41.76 -5.40 -21.82
N HIS B 195 -40.83 -5.30 -20.88
CA HIS B 195 -41.19 -5.38 -19.48
C HIS B 195 -41.67 -4.04 -18.95
N LYS B 196 -42.32 -4.07 -17.78
CA LYS B 196 -42.95 -2.89 -17.21
C LYS B 196 -42.52 -2.58 -15.79
N VAL B 197 -42.12 -3.56 -14.99
CA VAL B 197 -41.81 -3.38 -13.59
C VAL B 197 -40.32 -3.61 -13.37
N TYR B 198 -39.64 -2.63 -12.78
CA TYR B 198 -38.24 -2.75 -12.39
C TYR B 198 -38.09 -2.28 -10.95
N ALA B 199 -37.49 -3.11 -10.11
CA ALA B 199 -37.44 -2.84 -8.68
C ALA B 199 -36.06 -3.14 -8.13
N CYS B 200 -35.73 -2.45 -7.04
CA CYS B 200 -34.48 -2.63 -6.31
C CYS B 200 -34.79 -2.95 -4.86
N GLU B 201 -34.23 -4.04 -4.36
CA GLU B 201 -34.48 -4.49 -2.99
C GLU B 201 -33.14 -4.60 -2.24
N VAL B 202 -33.11 -4.10 -1.02
CA VAL B 202 -31.88 -4.00 -0.23
C VAL B 202 -32.12 -4.62 1.14
N THR B 203 -31.09 -5.28 1.67
CA THR B 203 -31.09 -5.83 3.02
C THR B 203 -29.82 -5.45 3.73
N HIS B 204 -29.94 -4.85 4.91
CA HIS B 204 -28.79 -4.38 5.67
C HIS B 204 -29.06 -4.56 7.15
N GLN B 205 -27.99 -4.57 7.94
CA GLN B 205 -28.13 -4.69 9.38
C GLN B 205 -28.88 -3.50 9.95
N GLY B 206 -28.59 -2.30 9.45
CA GLY B 206 -29.24 -1.12 9.98
C GLY B 206 -30.74 -1.11 9.72
N LEU B 207 -31.16 -1.53 8.54
CA LEU B 207 -32.57 -1.52 8.21
C LEU B 207 -33.29 -2.67 8.90
N SER B 208 -34.49 -2.37 9.41
CA SER B 208 -35.27 -3.39 10.10
C SER B 208 -35.81 -4.43 9.14
N SER B 209 -36.40 -3.99 8.03
CA SER B 209 -36.97 -4.88 7.03
C SER B 209 -36.49 -4.43 5.66
N PRO B 210 -36.44 -5.33 4.69
CA PRO B 210 -35.98 -4.93 3.35
C PRO B 210 -36.86 -3.82 2.77
N VAL B 211 -36.21 -2.89 2.09
CA VAL B 211 -36.86 -1.73 1.49
C VAL B 211 -36.71 -1.82 -0.02
N THR B 212 -37.82 -1.60 -0.74
CA THR B 212 -37.85 -1.71 -2.18
C THR B 212 -38.24 -0.38 -2.80
N LYS B 213 -37.58 -0.03 -3.90
CA LYS B 213 -37.90 1.14 -4.69
C LYS B 213 -38.02 0.71 -6.14
N SER B 214 -39.12 1.09 -6.79
CA SER B 214 -39.42 0.61 -8.14
C SER B 214 -39.97 1.75 -8.97
N PHE B 215 -39.89 1.59 -10.29
CA PHE B 215 -40.42 2.55 -11.23
C PHE B 215 -41.12 1.83 -12.36
N ASN B 216 -42.06 2.53 -12.99
CA ASN B 216 -42.84 2.00 -14.11
C ASN B 216 -42.36 2.65 -15.39
N ARG B 217 -42.09 1.83 -16.40
CA ARG B 217 -41.60 2.36 -17.67
C ARG B 217 -42.64 3.28 -18.30
N GLY B 218 -42.16 4.41 -18.82
CA GLY B 218 -43.04 5.40 -19.42
C GLY B 218 -43.69 6.31 -18.42
N VAL C 2 19.07 10.74 -2.16
CA VAL C 2 18.87 9.76 -3.20
C VAL C 2 17.38 9.52 -3.39
N GLN C 3 16.95 9.39 -4.64
CA GLN C 3 15.56 9.16 -4.98
C GLN C 3 15.50 8.19 -6.15
N LEU C 4 14.51 7.30 -6.13
CA LEU C 4 14.31 6.32 -7.19
C LEU C 4 13.19 6.82 -8.10
N VAL C 5 13.51 7.03 -9.36
CA VAL C 5 12.56 7.53 -10.36
C VAL C 5 12.28 6.40 -11.34
N GLN C 6 11.01 6.27 -11.74
CA GLN C 6 10.59 5.20 -12.62
C GLN C 6 9.97 5.76 -13.90
N SER C 7 9.65 4.86 -14.81
CA SER C 7 9.03 5.22 -16.06
C SER C 7 7.56 5.56 -15.86
N GLY C 8 6.90 5.94 -16.95
CA GLY C 8 5.49 6.26 -16.92
C GLY C 8 4.62 5.04 -17.12
N ALA C 9 3.31 5.30 -17.23
CA ALA C 9 2.36 4.23 -17.43
C ALA C 9 2.44 3.69 -18.85
N GLU C 10 1.87 2.51 -19.06
CA GLU C 10 1.86 1.87 -20.36
C GLU C 10 0.50 1.23 -20.60
N VAL C 11 0.06 1.27 -21.85
CA VAL C 11 -1.17 0.60 -22.26
C VAL C 11 -0.86 -0.29 -23.45
N LYS C 12 -0.53 -1.54 -23.20
CA LYS C 12 -0.09 -2.41 -24.28
C LYS C 12 -1.17 -3.41 -24.66
N LYS C 13 -0.83 -4.32 -25.55
CA LYS C 13 -1.75 -5.29 -26.09
C LYS C 13 -1.29 -6.70 -25.76
N PRO C 14 -2.22 -7.65 -25.64
CA PRO C 14 -1.83 -9.01 -25.26
C PRO C 14 -0.83 -9.61 -26.24
N GLY C 15 0.14 -10.33 -25.70
CA GLY C 15 1.19 -10.92 -26.49
C GLY C 15 2.36 -10.01 -26.79
N SER C 16 2.28 -8.73 -26.41
CA SER C 16 3.36 -7.79 -26.63
C SER C 16 4.41 -7.93 -25.52
N SER C 17 5.32 -6.96 -25.43
CA SER C 17 6.33 -6.96 -24.39
C SER C 17 6.57 -5.52 -23.93
N VAL C 18 6.92 -5.38 -22.66
CA VAL C 18 7.10 -4.06 -22.04
C VAL C 18 8.41 -4.06 -21.26
N LYS C 19 8.99 -2.88 -21.11
CA LYS C 19 10.18 -2.67 -20.29
C LYS C 19 9.95 -1.50 -19.36
N VAL C 20 10.19 -1.70 -18.07
CA VAL C 20 10.03 -0.68 -17.05
C VAL C 20 11.40 -0.34 -16.48
N SER C 21 11.70 0.95 -16.41
CA SER C 21 13.01 1.43 -15.99
C SER C 21 12.91 2.11 -14.64
N CYS C 22 13.98 1.98 -13.86
CA CYS C 22 14.08 2.56 -12.53
C CYS C 22 15.44 3.22 -12.40
N LYS C 23 15.45 4.53 -12.17
CA LYS C 23 16.70 5.28 -12.13
C LYS C 23 16.85 5.99 -10.80
N ALA C 24 18.08 6.05 -10.32
CA ALA C 24 18.40 6.60 -9.01
C ALA C 24 18.97 8.01 -9.17
N SER C 25 18.35 8.99 -8.51
CA SER C 25 18.83 10.36 -8.56
C SER C 25 20.13 10.55 -7.79
N GLY C 26 20.47 9.62 -6.90
CA GLY C 26 21.72 9.71 -6.18
C GLY C 26 22.91 9.45 -7.08
N GLY C 27 24.02 9.05 -6.45
CA GLY C 27 25.21 8.76 -7.24
C GLY C 27 25.04 7.53 -8.11
N THR C 28 25.01 6.36 -7.48
CA THR C 28 24.93 5.08 -8.19
C THR C 28 24.33 4.05 -7.24
N PHE C 29 24.29 2.81 -7.71
CA PHE C 29 24.01 1.66 -6.85
C PHE C 29 25.34 1.19 -6.30
N SER C 30 25.62 1.49 -5.04
CA SER C 30 26.88 1.13 -4.42
C SER C 30 26.63 0.02 -3.41
N SER C 31 26.89 -1.22 -3.83
CA SER C 31 26.68 -2.39 -2.98
C SER C 31 25.24 -2.46 -2.49
N ASP C 32 24.31 -2.06 -3.35
CA ASP C 32 22.89 -2.11 -3.04
C ASP C 32 22.24 -3.21 -3.87
N ALA C 33 20.94 -3.37 -3.67
CA ALA C 33 20.13 -4.27 -4.47
C ALA C 33 18.84 -3.56 -4.83
N ILE C 34 18.25 -3.95 -5.94
CA ILE C 34 17.01 -3.35 -6.43
C ILE C 34 15.97 -4.45 -6.51
N ASN C 35 15.10 -4.53 -5.52
CA ASN C 35 14.05 -5.54 -5.47
C ASN C 35 12.82 -5.02 -6.18
N TRP C 36 12.07 -5.93 -6.79
CA TRP C 36 10.90 -5.58 -7.57
C TRP C 36 9.65 -6.17 -6.94
N VAL C 37 8.64 -5.33 -6.74
CA VAL C 37 7.40 -5.70 -6.07
C VAL C 37 6.23 -5.39 -6.99
N ARG C 38 5.34 -6.36 -7.19
CA ARG C 38 4.16 -6.21 -8.03
C ARG C 38 2.91 -6.24 -7.17
N GLN C 39 1.94 -5.39 -7.50
CA GLN C 39 0.68 -5.33 -6.78
C GLN C 39 -0.46 -5.25 -7.78
N ALA C 40 -1.09 -6.39 -8.04
CA ALA C 40 -2.30 -6.39 -8.86
C ALA C 40 -3.41 -5.67 -8.11
N PRO C 41 -4.37 -5.07 -8.83
CA PRO C 41 -5.40 -4.28 -8.15
C PRO C 41 -6.19 -5.13 -7.16
N GLY C 42 -6.43 -4.56 -5.98
CA GLY C 42 -7.17 -5.24 -4.94
C GLY C 42 -6.53 -6.55 -4.52
N GLN C 43 -5.20 -6.57 -4.47
CA GLN C 43 -4.46 -7.75 -4.05
C GLN C 43 -3.26 -7.30 -3.22
N GLY C 44 -2.72 -8.23 -2.45
CA GLY C 44 -1.55 -7.93 -1.67
C GLY C 44 -0.31 -7.81 -2.52
N LEU C 45 0.74 -7.26 -1.91
CA LEU C 45 2.00 -7.13 -2.62
C LEU C 45 2.68 -8.47 -2.75
N GLU C 46 3.38 -8.66 -3.87
CA GLU C 46 4.13 -9.87 -4.15
C GLU C 46 5.59 -9.51 -4.31
N TRP C 47 6.39 -10.48 -4.74
CA TRP C 47 7.81 -10.27 -4.90
C TRP C 47 8.28 -10.85 -6.23
N MET C 48 8.97 -10.03 -7.02
CA MET C 48 9.52 -10.45 -8.29
C MET C 48 10.85 -11.17 -8.10
N GLY C 49 11.84 -10.43 -7.63
CA GLY C 49 13.20 -10.92 -7.58
C GLY C 49 14.12 -9.76 -7.33
N ARG C 50 15.41 -10.05 -7.25
CA ARG C 50 16.39 -9.05 -6.88
C ARG C 50 17.49 -9.00 -7.93
N ILE C 51 18.06 -7.81 -8.13
CA ILE C 51 19.21 -7.63 -8.99
C ILE C 51 20.25 -6.86 -8.19
N ILE C 52 21.48 -7.36 -8.19
CA ILE C 52 22.55 -6.77 -7.38
C ILE C 52 23.57 -6.17 -8.34
N PRO C 53 23.51 -4.86 -8.60
CA PRO C 53 24.33 -4.29 -9.67
C PRO C 53 25.82 -4.51 -9.46
N ILE C 54 26.30 -4.39 -8.23
CA ILE C 54 27.74 -4.47 -7.99
C ILE C 54 28.22 -5.90 -8.22
N PHE C 55 27.31 -6.87 -8.16
CA PHE C 55 27.67 -8.27 -8.38
C PHE C 55 27.35 -8.75 -9.78
N GLY C 56 26.37 -8.17 -10.45
CA GLY C 56 25.89 -8.73 -11.70
C GLY C 56 25.20 -10.06 -11.53
N VAL C 57 24.45 -10.23 -10.45
CA VAL C 57 23.73 -11.46 -10.15
C VAL C 57 22.29 -11.12 -9.84
N ALA C 58 21.38 -11.93 -10.39
CA ALA C 58 19.96 -11.71 -10.21
C ALA C 58 19.29 -12.99 -9.71
N ASP C 59 18.37 -12.83 -8.77
CA ASP C 59 17.60 -13.93 -8.20
C ASP C 59 16.13 -13.67 -8.44
N TYR C 60 15.40 -14.72 -8.82
CA TYR C 60 13.98 -14.61 -9.13
C TYR C 60 13.15 -15.46 -8.18
N ALA C 61 11.90 -15.05 -8.00
CA ALA C 61 10.94 -15.86 -7.29
C ALA C 61 10.58 -17.09 -8.11
N GLN C 62 10.09 -18.12 -7.43
CA GLN C 62 9.74 -19.35 -8.13
C GLN C 62 8.65 -19.11 -9.14
N LYS C 63 7.62 -18.34 -8.76
CA LYS C 63 6.43 -18.22 -9.60
C LYS C 63 6.75 -17.58 -10.95
N PHE C 64 7.59 -16.54 -10.94
CA PHE C 64 7.82 -15.75 -12.14
C PHE C 64 9.16 -16.02 -12.80
N GLN C 65 9.84 -17.08 -12.42
CA GLN C 65 11.01 -17.53 -13.16
C GLN C 65 10.62 -17.89 -14.58
N GLY C 66 11.38 -17.38 -15.55
CA GLY C 66 11.15 -17.67 -16.94
C GLY C 66 10.33 -16.66 -17.70
N ARG C 67 9.68 -15.72 -17.02
CA ARG C 67 8.87 -14.72 -17.69
C ARG C 67 9.33 -13.29 -17.47
N VAL C 68 10.36 -13.05 -16.67
CA VAL C 68 10.87 -11.72 -16.40
C VAL C 68 12.38 -11.74 -16.47
N THR C 69 12.96 -10.70 -17.09
CA THR C 69 14.40 -10.53 -17.17
C THR C 69 14.77 -9.21 -16.52
N LEU C 70 15.76 -9.24 -15.63
CA LEU C 70 16.15 -8.08 -14.83
C LEU C 70 17.53 -7.60 -15.30
N THR C 71 17.64 -6.30 -15.57
CA THR C 71 18.83 -5.71 -16.15
C THR C 71 19.26 -4.49 -15.37
N ALA C 72 20.55 -4.37 -15.12
CA ALA C 72 21.13 -3.20 -14.46
C ALA C 72 22.22 -2.61 -15.34
N ASP C 73 22.17 -1.30 -15.56
CA ASP C 73 23.16 -0.59 -16.36
C ASP C 73 23.94 0.35 -15.44
N LYS C 74 25.23 0.07 -15.29
CA LYS C 74 26.05 0.83 -14.34
C LYS C 74 26.29 2.26 -14.84
N SER C 75 26.45 2.43 -16.15
CA SER C 75 26.87 3.73 -16.68
C SER C 75 25.85 4.81 -16.34
N THR C 76 24.57 4.52 -16.53
CA THR C 76 23.51 5.46 -16.21
C THR C 76 22.93 5.20 -14.82
N SER C 77 23.34 4.10 -14.18
CA SER C 77 22.80 3.67 -12.89
C SER C 77 21.28 3.51 -12.96
N THR C 78 20.86 2.53 -13.75
CA THR C 78 19.45 2.23 -13.96
C THR C 78 19.20 0.74 -13.82
N ALA C 79 17.98 0.39 -13.43
CA ALA C 79 17.54 -0.98 -13.32
C ALA C 79 16.35 -1.20 -14.24
N TYR C 80 16.32 -2.35 -14.93
CA TYR C 80 15.31 -2.61 -15.93
C TYR C 80 14.56 -3.90 -15.63
N MET C 81 13.25 -3.90 -15.94
CA MET C 81 12.41 -5.08 -15.88
C MET C 81 11.81 -5.31 -17.26
N ASP C 82 11.79 -6.57 -17.71
CA ASP C 82 11.28 -6.91 -19.02
C ASP C 82 10.27 -8.05 -18.88
N LEU C 83 9.09 -7.87 -19.47
CA LEU C 83 8.01 -8.84 -19.44
C LEU C 83 7.83 -9.46 -20.82
N SER C 84 7.70 -10.78 -20.87
CA SER C 84 7.54 -11.51 -22.11
C SER C 84 6.19 -12.21 -22.14
N SER C 85 5.55 -12.19 -23.30
CA SER C 85 4.29 -12.89 -23.54
C SER C 85 3.23 -12.46 -22.52
N LEU C 86 2.85 -11.19 -22.61
CA LEU C 86 1.88 -10.64 -21.67
C LEU C 86 0.53 -11.31 -21.80
N ARG C 87 -0.04 -11.72 -20.66
CA ARG C 87 -1.39 -12.23 -20.60
C ARG C 87 -2.33 -11.09 -20.22
N SER C 88 -3.63 -11.38 -20.20
CA SER C 88 -4.60 -10.36 -19.82
C SER C 88 -4.64 -10.11 -18.32
N GLU C 89 -4.00 -10.95 -17.52
CA GLU C 89 -4.07 -10.87 -16.07
C GLU C 89 -2.85 -10.21 -15.44
N ASP C 90 -1.97 -9.61 -16.24
CA ASP C 90 -0.76 -9.00 -15.72
C ASP C 90 -0.95 -7.53 -15.38
N THR C 91 -2.16 -7.00 -15.51
CA THR C 91 -2.43 -5.62 -15.12
C THR C 91 -2.09 -5.43 -13.66
N ALA C 92 -1.12 -4.55 -13.38
CA ALA C 92 -0.65 -4.37 -12.01
C ALA C 92 0.19 -3.10 -11.96
N VAL C 93 0.82 -2.90 -10.80
CA VAL C 93 1.76 -1.81 -10.57
C VAL C 93 3.04 -2.41 -10.04
N PHE C 94 4.18 -1.98 -10.59
CA PHE C 94 5.48 -2.51 -10.20
C PHE C 94 6.28 -1.43 -9.48
N TYR C 95 6.78 -1.76 -8.29
CA TYR C 95 7.56 -0.84 -7.47
C TYR C 95 9.01 -1.29 -7.43
N CYS C 96 9.91 -0.33 -7.25
CA CYS C 96 11.30 -0.64 -6.95
C CYS C 96 11.50 -0.61 -5.44
N ALA C 97 12.54 -1.28 -4.97
CA ALA C 97 12.92 -1.18 -3.58
C ALA C 97 14.43 -1.31 -3.48
N ARG C 98 15.02 -0.55 -2.57
CA ARG C 98 16.46 -0.55 -2.37
C ARG C 98 16.78 -1.02 -0.96
N GLU C 99 17.70 -1.97 -0.85
CA GLU C 99 18.12 -2.49 0.44
C GLU C 99 19.63 -2.36 0.56
N ARG C 100 20.07 -1.58 1.55
CA ARG C 100 21.50 -1.38 1.75
C ARG C 100 22.17 -2.70 2.08
N GLY C 101 23.42 -2.84 1.64
CA GLY C 101 24.08 -4.12 1.74
C GLY C 101 25.30 -4.18 2.64
N ASP C 102 25.76 -3.03 3.12
CA ASP C 102 27.00 -3.01 3.88
C ASP C 102 26.88 -3.81 5.16
N TYR C 103 25.75 -3.68 5.87
CA TYR C 103 25.55 -4.46 7.08
C TYR C 103 25.32 -5.93 6.79
N SER C 104 24.47 -6.26 5.82
CA SER C 104 24.10 -7.65 5.61
C SER C 104 23.46 -7.81 4.24
N ASN C 105 23.42 -9.07 3.79
CA ASN C 105 22.84 -9.38 2.49
C ASN C 105 21.33 -9.22 2.50
N PHE C 106 20.66 -9.77 3.52
CA PHE C 106 19.21 -9.71 3.66
C PHE C 106 18.86 -8.56 4.60
N TRP C 107 17.96 -7.71 4.17
CA TRP C 107 17.80 -6.41 4.82
C TRP C 107 16.43 -5.86 4.42
N TYR C 108 16.00 -4.82 5.15
CA TYR C 108 14.71 -4.22 4.87
C TYR C 108 14.79 -3.23 3.72
N PHE C 109 13.64 -2.73 3.31
CA PHE C 109 13.54 -1.85 2.13
C PHE C 109 13.54 -0.41 2.60
N ASP C 110 14.65 0.28 2.37
CA ASP C 110 14.76 1.67 2.77
C ASP C 110 13.83 2.56 1.95
N LEU C 111 14.01 2.57 0.64
CA LEU C 111 13.43 3.57 -0.24
C LEU C 111 12.64 2.90 -1.35
N TRP C 112 11.48 3.46 -1.68
CA TRP C 112 10.55 2.87 -2.64
C TRP C 112 10.33 3.83 -3.80
N GLY C 113 10.19 3.27 -5.00
CA GLY C 113 9.78 4.08 -6.13
C GLY C 113 8.29 4.32 -6.15
N ARG C 114 7.85 5.18 -7.06
CA ARG C 114 6.42 5.52 -7.10
C ARG C 114 5.58 4.43 -7.74
N GLY C 115 6.16 3.66 -8.64
CA GLY C 115 5.36 2.59 -9.20
C GLY C 115 5.00 2.86 -10.65
N THR C 116 4.94 1.78 -11.43
CA THR C 116 4.70 1.85 -12.86
C THR C 116 3.45 1.05 -13.20
N LEU C 117 2.42 1.73 -13.69
CA LEU C 117 1.15 1.10 -13.99
C LEU C 117 1.19 0.54 -15.41
N VAL C 118 0.91 -0.76 -15.53
CA VAL C 118 0.87 -1.44 -16.82
C VAL C 118 -0.52 -2.03 -17.00
N THR C 119 -1.17 -1.67 -18.10
CA THR C 119 -2.48 -2.21 -18.47
C THR C 119 -2.31 -3.06 -19.70
N VAL C 120 -2.85 -4.28 -19.67
CA VAL C 120 -2.73 -5.20 -20.80
C VAL C 120 -4.13 -5.55 -21.27
N SER C 121 -4.50 -5.08 -22.44
CA SER C 121 -5.80 -5.34 -23.02
C SER C 121 -5.77 -5.07 -24.51
N SER C 122 -6.75 -5.61 -25.21
CA SER C 122 -6.90 -5.41 -26.65
C SER C 122 -8.12 -4.52 -26.86
N ALA C 123 -7.87 -3.21 -26.99
CA ALA C 123 -8.95 -2.26 -27.22
C ALA C 123 -8.35 -1.02 -27.87
N SER C 124 -9.22 -0.19 -28.43
CA SER C 124 -8.82 1.01 -29.13
C SER C 124 -9.13 2.23 -28.28
N THR C 125 -8.22 3.19 -28.30
CA THR C 125 -8.43 4.44 -27.58
C THR C 125 -9.75 5.06 -27.98
N LYS C 126 -10.68 5.12 -27.05
CA LYS C 126 -12.03 5.59 -27.33
C LYS C 126 -12.42 6.63 -26.30
N GLY C 127 -13.19 7.61 -26.75
CA GLY C 127 -13.71 8.62 -25.88
C GLY C 127 -14.86 8.12 -25.04
N PRO C 128 -15.05 8.72 -23.87
CA PRO C 128 -16.16 8.31 -23.00
C PRO C 128 -17.50 8.74 -23.56
N SER C 129 -18.53 8.06 -23.08
CA SER C 129 -19.92 8.39 -23.38
C SER C 129 -20.61 8.87 -22.11
N VAL C 130 -21.19 10.05 -22.16
CA VAL C 130 -21.80 10.69 -21.00
C VAL C 130 -23.32 10.61 -21.14
N PHE C 131 -23.97 10.10 -20.09
CA PHE C 131 -25.42 10.01 -20.04
C PHE C 131 -25.91 10.51 -18.69
N PRO C 132 -27.08 11.16 -18.67
CA PRO C 132 -27.57 11.73 -17.42
C PRO C 132 -28.43 10.77 -16.60
N LEU C 133 -27.97 10.45 -15.39
CA LEU C 133 -28.78 9.69 -14.43
C LEU C 133 -29.68 10.68 -13.73
N ALA C 134 -30.81 10.98 -14.38
CA ALA C 134 -31.70 12.07 -14.02
C ALA C 134 -32.18 11.93 -12.58
N PRO C 135 -32.38 13.04 -11.87
CA PRO C 135 -32.79 12.93 -10.46
C PRO C 135 -34.20 12.38 -10.34
N SER C 136 -34.44 11.66 -9.25
CA SER C 136 -35.75 11.06 -9.02
C SER C 136 -36.80 12.14 -8.79
N SER C 137 -37.93 12.01 -9.47
CA SER C 137 -39.05 12.91 -9.21
C SER C 137 -39.56 12.74 -7.79
N LYS C 138 -39.64 11.50 -7.32
CA LYS C 138 -40.02 11.26 -5.93
C LYS C 138 -38.90 11.65 -4.97
N SER C 139 -37.67 11.22 -5.28
CA SER C 139 -36.47 11.52 -4.50
C SER C 139 -36.74 11.16 -3.03
N THR C 140 -36.39 12.01 -2.08
CA THR C 140 -36.71 11.79 -0.67
C THR C 140 -37.93 12.61 -0.24
N SER C 141 -38.50 13.37 -1.18
CA SER C 141 -39.67 14.21 -0.92
C SER C 141 -39.39 15.24 0.18
N GLY C 142 -38.38 16.07 -0.06
CA GLY C 142 -38.01 17.13 0.87
C GLY C 142 -36.73 16.87 1.63
N GLY C 143 -36.33 15.60 1.78
CA GLY C 143 -35.09 15.30 2.49
C GLY C 143 -33.86 15.63 1.66
N THR C 144 -33.69 14.92 0.55
CA THR C 144 -32.53 15.11 -0.32
C THR C 144 -32.87 14.61 -1.71
N ALA C 145 -32.04 14.98 -2.68
CA ALA C 145 -32.19 14.54 -4.05
C ALA C 145 -30.84 14.02 -4.54
N ALA C 146 -30.88 12.87 -5.22
CA ALA C 146 -29.68 12.23 -5.73
C ALA C 146 -29.73 12.23 -7.25
N LEU C 147 -28.66 12.71 -7.88
CA LEU C 147 -28.55 12.77 -9.33
C LEU C 147 -27.08 12.67 -9.72
N GLY C 148 -26.82 12.02 -10.86
CA GLY C 148 -25.46 11.81 -11.29
C GLY C 148 -25.37 11.64 -12.79
N CYS C 149 -24.15 11.45 -13.27
CA CYS C 149 -23.88 11.25 -14.68
C CYS C 149 -23.21 9.90 -14.89
N LEU C 150 -23.48 9.29 -16.04
CA LEU C 150 -23.03 7.95 -16.37
C LEU C 150 -21.91 8.03 -17.38
N VAL C 151 -20.76 7.42 -17.06
CA VAL C 151 -19.60 7.41 -17.93
C VAL C 151 -19.27 5.97 -18.25
N LYS C 152 -19.38 5.61 -19.53
CA LYS C 152 -19.17 4.22 -19.94
C LYS C 152 -18.58 4.18 -21.34
N ASP C 153 -18.02 3.02 -21.67
CA ASP C 153 -17.46 2.76 -22.99
C ASP C 153 -16.30 3.72 -23.30
N TYR C 154 -15.36 3.81 -22.36
CA TYR C 154 -14.19 4.65 -22.52
C TYR C 154 -12.94 3.83 -22.26
N PHE C 155 -11.88 4.12 -23.00
CA PHE C 155 -10.62 3.45 -22.79
C PHE C 155 -9.47 4.36 -23.24
N PRO C 156 -8.41 4.47 -22.45
CA PRO C 156 -8.27 3.83 -21.14
C PRO C 156 -8.50 4.81 -19.99
N GLU C 157 -8.50 4.29 -18.77
CA GLU C 157 -8.66 5.15 -17.60
C GLU C 157 -7.40 5.99 -17.41
N PRO C 158 -7.46 7.09 -16.66
CA PRO C 158 -8.57 7.61 -15.86
C PRO C 158 -9.39 8.69 -16.52
N VAL C 159 -10.50 9.02 -15.88
CA VAL C 159 -11.37 10.11 -16.28
C VAL C 159 -11.63 10.98 -15.07
N THR C 160 -11.41 12.27 -15.23
CA THR C 160 -11.49 13.23 -14.12
C THR C 160 -12.84 13.93 -14.21
N VAL C 161 -13.86 13.31 -13.61
CA VAL C 161 -15.17 13.93 -13.56
C VAL C 161 -15.12 15.15 -12.66
N SER C 162 -15.87 16.19 -13.02
CA SER C 162 -15.96 17.38 -12.20
C SER C 162 -17.36 17.96 -12.33
N TRP C 163 -17.78 18.67 -11.29
CA TRP C 163 -19.14 19.17 -11.20
C TRP C 163 -19.13 20.69 -11.08
N ASN C 164 -19.91 21.35 -11.94
CA ASN C 164 -20.03 22.80 -11.96
C ASN C 164 -18.66 23.46 -12.00
N SER C 165 -17.71 22.85 -12.70
CA SER C 165 -16.34 23.33 -12.78
C SER C 165 -15.73 23.50 -11.39
N GLY C 166 -15.97 22.51 -10.53
CA GLY C 166 -15.40 22.50 -9.20
C GLY C 166 -16.11 23.34 -8.18
N ALA C 167 -17.20 24.01 -8.56
CA ALA C 167 -17.92 24.85 -7.60
C ALA C 167 -18.54 24.02 -6.48
N LEU C 168 -19.07 22.85 -6.81
CA LEU C 168 -19.80 22.02 -5.86
C LEU C 168 -19.00 20.77 -5.55
N THR C 169 -18.68 20.56 -4.27
CA THR C 169 -18.02 19.36 -3.80
C THR C 169 -18.62 18.87 -2.48
N SER C 170 -19.88 19.22 -2.20
CA SER C 170 -20.47 18.89 -0.91
C SER C 170 -20.69 17.38 -0.77
N GLY C 171 -21.32 16.76 -1.76
CA GLY C 171 -21.70 15.37 -1.64
C GLY C 171 -21.45 14.51 -2.86
N VAL C 172 -20.47 14.90 -3.68
CA VAL C 172 -20.16 14.13 -4.88
C VAL C 172 -19.57 12.79 -4.48
N HIS C 173 -20.00 11.73 -5.17
CA HIS C 173 -19.45 10.40 -4.99
C HIS C 173 -19.02 9.89 -6.36
N THR C 174 -17.72 9.67 -6.54
CA THR C 174 -17.19 9.12 -7.78
C THR C 174 -16.68 7.72 -7.51
N PHE C 175 -17.43 6.72 -7.95
CA PHE C 175 -17.06 5.34 -7.69
C PHE C 175 -15.89 4.93 -8.58
N PRO C 176 -15.01 4.07 -8.09
CA PRO C 176 -13.95 3.53 -8.95
C PRO C 176 -14.55 2.74 -10.09
N ALA C 177 -13.93 2.84 -11.25
CA ALA C 177 -14.50 2.28 -12.46
C ALA C 177 -14.47 0.75 -12.43
N VAL C 178 -15.38 0.16 -13.19
CA VAL C 178 -15.50 -1.29 -13.30
C VAL C 178 -15.30 -1.69 -14.76
N LEU C 179 -14.54 -2.76 -14.96
CA LEU C 179 -14.21 -3.22 -16.29
C LEU C 179 -15.36 -4.05 -16.86
N GLN C 180 -15.90 -3.62 -17.99
CA GLN C 180 -16.99 -4.34 -18.62
C GLN C 180 -16.46 -5.51 -19.43
N SER C 181 -17.38 -6.40 -19.82
CA SER C 181 -17.01 -7.59 -20.57
C SER C 181 -16.43 -7.24 -21.94
N SER C 182 -16.94 -6.17 -22.56
CA SER C 182 -16.44 -5.76 -23.87
C SER C 182 -15.02 -5.22 -23.80
N GLY C 183 -14.50 -4.97 -22.60
CA GLY C 183 -13.18 -4.41 -22.42
C GLY C 183 -13.15 -2.92 -22.17
N LEU C 184 -14.30 -2.26 -22.21
CA LEU C 184 -14.38 -0.81 -22.03
C LEU C 184 -14.74 -0.51 -20.58
N TYR C 185 -13.99 0.40 -19.96
CA TYR C 185 -14.24 0.76 -18.58
C TYR C 185 -15.52 1.57 -18.44
N SER C 186 -16.03 1.64 -17.22
CA SER C 186 -17.22 2.41 -16.92
C SER C 186 -17.22 2.83 -15.46
N LEU C 187 -17.71 4.03 -15.20
CA LEU C 187 -17.90 4.51 -13.85
C LEU C 187 -18.99 5.58 -13.86
N SER C 188 -19.51 5.88 -12.68
CA SER C 188 -20.54 6.90 -12.54
C SER C 188 -20.23 7.75 -11.32
N SER C 189 -20.70 9.00 -11.36
CA SER C 189 -20.51 9.93 -10.27
C SER C 189 -21.83 10.58 -9.94
N VAL C 190 -22.18 10.60 -8.66
CA VAL C 190 -23.48 11.08 -8.20
C VAL C 190 -23.26 12.13 -7.12
N VAL C 191 -24.09 13.17 -7.14
CA VAL C 191 -24.06 14.24 -6.16
C VAL C 191 -25.42 14.32 -5.49
N THR C 192 -25.43 14.58 -4.19
CA THR C 192 -26.65 14.65 -3.40
C THR C 192 -26.92 16.11 -3.07
N VAL C 193 -28.12 16.57 -3.39
CA VAL C 193 -28.48 17.98 -3.22
C VAL C 193 -29.86 18.06 -2.56
N PRO C 194 -30.15 19.19 -1.91
CA PRO C 194 -31.49 19.38 -1.35
C PRO C 194 -32.56 19.36 -2.44
N SER C 195 -33.74 18.87 -2.07
CA SER C 195 -34.84 18.76 -3.02
C SER C 195 -35.26 20.12 -3.54
N SER C 196 -35.37 21.11 -2.66
CA SER C 196 -35.77 22.44 -3.08
C SER C 196 -34.73 23.12 -3.97
N SER C 197 -33.50 22.61 -3.98
CA SER C 197 -32.47 23.20 -4.81
C SER C 197 -32.80 23.10 -6.30
N LEU C 198 -33.58 22.09 -6.67
CA LEU C 198 -33.91 21.88 -8.08
C LEU C 198 -34.87 22.96 -8.58
N GLY C 199 -34.75 23.28 -9.87
CA GLY C 199 -35.59 24.26 -10.50
C GLY C 199 -35.08 25.69 -10.40
N THR C 200 -34.03 25.94 -9.62
CA THR C 200 -33.48 27.27 -9.45
C THR C 200 -31.99 27.35 -9.67
N GLN C 201 -31.24 26.29 -9.40
CA GLN C 201 -29.80 26.28 -9.60
C GLN C 201 -29.37 24.99 -10.29
N THR C 202 -28.31 25.11 -11.10
CA THR C 202 -28.03 24.16 -12.17
C THR C 202 -26.82 23.28 -11.84
N TYR C 203 -26.70 22.19 -12.61
CA TYR C 203 -25.66 21.19 -12.45
C TYR C 203 -25.05 20.87 -13.81
N ILE C 204 -23.73 20.72 -13.85
CA ILE C 204 -23.04 20.25 -15.05
C ILE C 204 -21.96 19.28 -14.62
N CYS C 205 -21.90 18.12 -15.27
CA CYS C 205 -20.88 17.12 -14.95
C CYS C 205 -19.76 17.17 -15.98
N ASN C 206 -18.80 18.04 -15.70
CA ASN C 206 -17.63 18.16 -16.56
C ASN C 206 -16.83 16.86 -16.54
N VAL C 207 -16.46 16.38 -17.73
CA VAL C 207 -15.77 15.11 -17.87
C VAL C 207 -14.56 15.33 -18.75
N ASN C 208 -13.42 14.76 -18.34
CA ASN C 208 -12.17 14.91 -19.05
C ASN C 208 -11.56 13.54 -19.28
N HIS C 209 -11.04 13.30 -20.48
CA HIS C 209 -10.28 12.10 -20.77
C HIS C 209 -9.12 12.49 -21.67
N LYS C 210 -7.97 12.72 -21.07
CA LYS C 210 -6.77 13.17 -21.77
C LYS C 210 -6.27 12.23 -22.87
N PRO C 211 -6.21 10.90 -22.64
CA PRO C 211 -5.53 10.04 -23.63
C PRO C 211 -6.08 10.17 -25.04
N SER C 212 -7.37 10.48 -25.20
CA SER C 212 -7.91 10.83 -26.51
C SER C 212 -8.08 12.32 -26.69
N ASN C 213 -7.69 13.13 -25.70
CA ASN C 213 -7.85 14.58 -25.74
C ASN C 213 -9.32 14.95 -25.98
N THR C 214 -10.16 14.57 -25.02
CA THR C 214 -11.61 14.70 -25.17
C THR C 214 -12.18 15.55 -24.04
N LYS C 215 -13.10 16.44 -24.39
CA LYS C 215 -13.79 17.30 -23.44
C LYS C 215 -15.28 17.14 -23.65
N VAL C 216 -15.96 16.53 -22.68
CA VAL C 216 -17.38 16.24 -22.80
C VAL C 216 -18.12 16.84 -21.60
N ASP C 217 -19.19 17.57 -21.88
CA ASP C 217 -19.99 18.21 -20.85
C ASP C 217 -21.46 17.96 -21.14
N LYS C 218 -22.27 17.94 -20.08
CA LYS C 218 -23.69 17.65 -20.25
C LYS C 218 -24.48 18.26 -19.11
N LYS C 219 -25.77 18.47 -19.37
CA LYS C 219 -26.69 19.08 -18.43
C LYS C 219 -27.66 18.03 -17.90
N VAL C 220 -27.86 18.02 -16.59
CA VAL C 220 -28.75 17.05 -15.93
C VAL C 220 -29.99 17.77 -15.44
N GLU C 221 -31.15 17.23 -15.76
CA GLU C 221 -32.42 17.84 -15.38
C GLU C 221 -33.50 16.78 -15.29
N PRO C 222 -34.36 16.84 -14.28
CA PRO C 222 -35.45 15.87 -14.17
C PRO C 222 -36.40 15.96 -15.36
N LYS C 223 -36.92 14.79 -15.77
CA LYS C 223 -37.75 14.74 -16.97
C LYS C 223 -39.02 15.56 -16.79
N SER C 224 -39.63 15.50 -15.62
CA SER C 224 -40.87 16.21 -15.32
C SER C 224 -41.98 15.85 -16.31
#